data_4RB1
#
_entry.id   4RB1
#
_cell.length_a   159.502
_cell.length_b   42.855
_cell.length_c   60.547
_cell.angle_alpha   90.00
_cell.angle_beta   94.91
_cell.angle_gamma   90.00
#
_symmetry.space_group_name_H-M   'C 1 2 1'
#
loop_
_entity.id
_entity.type
_entity.pdbx_description
1 polymer 'DNA-binding transcriptional dual regulator of siderophore biosynthesis and transport(Fur family)'
2 polymer "DNA (5'-D(*CP*GP*CP*GP*AP*TP*AP*AP*TP*GP*AP*TP*AP*AP*TP*CP*AP*TP*TP*AP*TP*CP*CP*GP*C)-3')"
3 non-polymer 'MANGANESE (II) ION'
4 water water
#
loop_
_entity_poly.entity_id
_entity_poly.type
_entity_poly.pdbx_seq_one_letter_code
_entity_poly.pdbx_strand_id
1 'polypeptide(L)'
;GHMVSRIEQRLIDKGLKVTDQRRVIAQVLSDSADHPDVEEVYRRATAKDPRISIATVYRTVRLFEEESILERHDFGDGRA
RYEEAPSEHHDHLIDVNSARVIEFTSPEIEALQREIARKHGFRLVGHRLELYGVPLTSGGDSDDK
;
A,B
2 'polydeoxyribonucleotide'
;(DC)(DG)(DC)(DG)(DA)(DT)(DA)(DA)(DT)(DG)(DA)(DT)(DA)(DA)(DT)(DC)(DA)(DT)(DT)(DA)
(DT)(DC)(DC)(DG)(DC)
;
D
#
# COMPACT_ATOMS: atom_id res chain seq x y z
N VAL A 4 3.83 31.64 20.64
CA VAL A 4 3.24 30.53 19.86
C VAL A 4 4.29 29.44 19.61
N SER A 5 3.89 28.37 18.93
CA SER A 5 4.79 27.26 18.59
C SER A 5 4.51 26.75 17.18
N ARG A 6 5.35 25.83 16.70
CA ARG A 6 5.30 25.33 15.32
C ARG A 6 3.90 24.79 14.96
N ILE A 7 3.37 23.90 15.80
CA ILE A 7 2.01 23.37 15.67
C ILE A 7 0.97 24.50 15.51
N GLU A 8 0.86 25.34 16.53
CA GLU A 8 -0.19 26.38 16.61
C GLU A 8 -0.05 27.39 15.47
N GLN A 9 1.18 27.74 15.15
CA GLN A 9 1.40 28.67 14.06
C GLN A 9 0.85 28.12 12.74
N ARG A 10 1.17 26.85 12.44
CA ARG A 10 0.63 26.21 11.26
C ARG A 10 -0.89 26.35 11.25
N LEU A 11 -1.53 25.95 12.35
CA LEU A 11 -2.99 26.02 12.49
C LEU A 11 -3.53 27.45 12.37
N ILE A 12 -2.89 28.39 13.07
CA ILE A 12 -3.27 29.80 13.02
C ILE A 12 -3.16 30.32 11.58
N ASP A 13 -2.10 29.94 10.88
CA ASP A 13 -1.89 30.36 9.50
C ASP A 13 -2.81 29.61 8.51
N LYS A 14 -3.13 28.36 8.83
CA LYS A 14 -4.03 27.54 8.00
C LYS A 14 -5.52 27.79 8.27
N GLY A 15 -5.84 28.82 9.06
CA GLY A 15 -7.22 29.14 9.38
C GLY A 15 -7.98 28.11 10.20
N LEU A 16 -7.24 27.33 11.00
CA LEU A 16 -7.83 26.29 11.86
C LEU A 16 -7.80 26.68 13.34
N LYS A 17 -8.88 26.37 14.06
CA LYS A 17 -8.97 26.65 15.49
C LYS A 17 -7.93 25.83 16.25
N VAL A 18 -7.06 26.50 17.01
CA VAL A 18 -6.09 25.78 17.82
C VAL A 18 -6.81 25.25 19.04
N THR A 19 -6.91 23.93 19.17
CA THR A 19 -7.45 23.34 20.37
C THR A 19 -6.32 22.61 21.09
N ASP A 20 -6.50 22.35 22.38
CA ASP A 20 -5.52 21.62 23.17
C ASP A 20 -5.16 20.25 22.60
N GLN A 21 -6.17 19.51 22.15
CA GLN A 21 -5.93 18.19 21.58
C GLN A 21 -5.21 18.25 20.24
N ARG A 22 -5.66 19.11 19.32
CA ARG A 22 -4.91 19.39 18.07
C ARG A 22 -3.47 19.75 18.33
N ARG A 23 -3.25 20.45 19.43
CA ARG A 23 -1.93 20.85 19.86
C ARG A 23 -1.12 19.63 20.31
N VAL A 24 -1.75 18.77 21.11
CA VAL A 24 -1.07 17.61 21.66
C VAL A 24 -0.80 16.58 20.60
N ILE A 25 -1.79 16.32 19.75
CA ILE A 25 -1.63 15.37 18.67
C ILE A 25 -0.48 15.81 17.78
N ALA A 26 -0.50 17.08 17.40
CA ALA A 26 0.60 17.73 16.70
C ALA A 26 1.96 17.47 17.37
N GLN A 27 2.03 17.71 18.68
CA GLN A 27 3.28 17.47 19.41
C GLN A 27 3.71 16.01 19.39
N VAL A 28 2.74 15.11 19.54
CA VAL A 28 3.04 13.68 19.53
C VAL A 28 3.74 13.27 18.24
N LEU A 29 3.17 13.71 17.13
CA LEU A 29 3.75 13.41 15.84
C LEU A 29 5.11 14.08 15.74
N SER A 30 5.25 15.24 16.39
CA SER A 30 6.46 16.06 16.35
C SER A 30 7.71 15.32 16.85
N ASP A 31 7.63 14.70 18.03
CA ASP A 31 8.80 14.00 18.55
C ASP A 31 8.73 12.47 18.44
N SER A 32 8.27 11.99 17.28
CA SER A 32 8.20 10.56 16.98
C SER A 32 9.30 10.11 16.01
N ALA A 33 9.99 9.03 16.38
CA ALA A 33 11.01 8.39 15.55
C ALA A 33 10.37 7.53 14.46
N ASP A 34 9.46 6.66 14.91
CA ASP A 34 8.76 5.68 14.08
C ASP A 34 7.51 6.24 13.41
N HIS A 35 6.84 5.41 12.61
CA HIS A 35 5.58 5.76 11.98
C HIS A 35 4.49 4.99 12.68
N PRO A 36 3.69 5.67 13.51
CA PRO A 36 2.75 4.94 14.34
C PRO A 36 1.33 4.94 13.80
N ASP A 37 0.56 3.93 14.19
CA ASP A 37 -0.85 3.86 13.83
C ASP A 37 -1.66 4.78 14.73
N VAL A 38 -2.93 4.94 14.39
CA VAL A 38 -3.81 5.92 15.04
C VAL A 38 -3.95 5.67 16.54
N GLU A 39 -4.05 4.40 16.92
CA GLU A 39 -4.06 4.03 18.34
C GLU A 39 -2.76 4.45 19.03
N GLU A 40 -1.63 4.20 18.38
CA GLU A 40 -0.34 4.50 18.96
C GLU A 40 -0.23 6.00 19.27
N VAL A 41 -0.75 6.82 18.36
CA VAL A 41 -0.86 8.27 18.56
C VAL A 41 -1.80 8.60 19.73
N TYR A 42 -2.95 7.92 19.78
CA TYR A 42 -3.94 8.12 20.84
C TYR A 42 -3.33 7.83 22.20
N ARG A 43 -2.55 6.75 22.28
CA ARG A 43 -1.86 6.38 23.53
C ARG A 43 -0.84 7.44 23.93
N ARG A 44 0.06 7.77 23.01
CA ARG A 44 1.10 8.80 23.22
C ARG A 44 0.52 10.18 23.58
N ALA A 45 -0.60 10.54 22.95
CA ALA A 45 -1.31 11.77 23.30
C ALA A 45 -1.84 11.74 24.72
N THR A 46 -2.57 10.68 25.07
CA THR A 46 -3.22 10.55 26.38
C THR A 46 -2.21 10.47 27.51
N ALA A 47 -0.98 10.10 27.17
CA ALA A 47 0.12 10.12 28.13
C ALA A 47 0.54 11.56 28.43
N LYS A 48 0.44 12.43 27.42
CA LYS A 48 0.79 13.83 27.59
C LYS A 48 -0.37 14.63 28.21
N ASP A 49 -1.59 14.36 27.77
CA ASP A 49 -2.77 15.08 28.23
C ASP A 49 -3.99 14.18 28.06
N PRO A 50 -4.60 13.77 29.18
CA PRO A 50 -5.72 12.81 29.19
C PRO A 50 -6.99 13.26 28.45
N ARG A 51 -7.17 14.58 28.29
CA ARG A 51 -8.42 15.14 27.72
C ARG A 51 -8.49 14.92 26.21
N ILE A 52 -8.78 13.68 25.80
CA ILE A 52 -8.56 13.24 24.43
C ILE A 52 -9.38 11.98 24.07
N SER A 53 -10.08 12.08 22.94
CA SER A 53 -10.94 11.01 22.42
C SER A 53 -10.20 10.29 21.29
N ILE A 54 -10.53 9.02 21.07
CA ILE A 54 -10.02 8.35 19.87
C ILE A 54 -10.65 8.99 18.63
N ALA A 55 -11.94 9.35 18.75
CA ALA A 55 -12.70 9.99 17.68
C ALA A 55 -11.99 11.27 17.28
N THR A 56 -11.52 12.01 18.27
CA THR A 56 -10.77 13.22 17.98
C THR A 56 -9.44 12.90 17.32
N VAL A 57 -8.75 11.87 17.80
CA VAL A 57 -7.47 11.53 17.20
C VAL A 57 -7.66 11.14 15.73
N TYR A 58 -8.80 10.51 15.41
CA TYR A 58 -9.15 10.20 14.00
C TYR A 58 -9.45 11.44 13.17
N ARG A 59 -10.18 12.39 13.76
CA ARG A 59 -10.63 13.57 13.05
C ARG A 59 -9.45 14.46 12.68
N THR A 60 -8.46 14.49 13.58
CA THR A 60 -7.25 15.32 13.46
C THR A 60 -6.36 14.78 12.35
N VAL A 61 -6.02 13.50 12.41
CA VAL A 61 -5.18 12.91 11.38
C VAL A 61 -5.72 13.22 9.94
N ARG A 62 -7.01 12.97 9.68
CA ARG A 62 -7.63 13.29 8.37
C ARG A 62 -7.32 14.75 7.95
N LEU A 63 -7.72 15.69 8.81
CA LEU A 63 -7.50 17.11 8.65
C LEU A 63 -6.02 17.43 8.44
N PHE A 64 -5.18 17.02 9.38
CA PHE A 64 -3.74 17.22 9.29
C PHE A 64 -3.14 16.71 7.97
N GLU A 65 -3.60 15.54 7.52
CA GLU A 65 -3.26 15.05 6.19
C GLU A 65 -3.80 16.03 5.15
N GLU A 66 -5.11 16.29 5.13
CA GLU A 66 -5.71 17.24 4.16
C GLU A 66 -4.95 18.56 4.11
N GLU A 67 -4.41 18.98 5.26
CA GLU A 67 -3.65 20.23 5.35
C GLU A 67 -2.13 20.06 5.26
N SER A 68 -1.66 18.91 4.78
CA SER A 68 -0.22 18.68 4.56
C SER A 68 0.67 18.83 5.81
N ILE A 69 0.05 18.65 6.99
CA ILE A 69 0.75 18.79 8.26
C ILE A 69 1.33 17.45 8.70
N LEU A 70 0.73 16.37 8.21
CA LEU A 70 1.24 15.00 8.43
C LEU A 70 0.97 14.10 7.21
N GLU A 71 1.86 13.15 6.97
CA GLU A 71 1.69 12.22 5.86
C GLU A 71 1.08 10.88 6.33
N ARG A 72 0.13 10.35 5.56
CA ARG A 72 -0.45 9.02 5.83
C ARG A 72 0.26 8.00 4.97
N HIS A 73 0.83 7.00 5.59
CA HIS A 73 1.30 5.85 4.85
C HIS A 73 0.48 4.65 5.18
N ASP A 74 0.71 3.58 4.45
CA ASP A 74 0.02 2.31 4.64
C ASP A 74 1.03 1.23 4.26
N PHE A 75 1.74 0.69 5.25
CA PHE A 75 2.88 -0.18 4.94
C PHE A 75 2.52 -1.64 4.64
N GLY A 76 1.23 -1.99 4.78
CA GLY A 76 0.78 -3.34 4.49
C GLY A 76 -0.39 -3.76 5.35
N ASP A 77 -0.19 -3.71 6.66
CA ASP A 77 -1.24 -4.00 7.66
C ASP A 77 -2.36 -2.99 7.62
N GLY A 78 -3.55 -3.41 8.07
CA GLY A 78 -4.78 -2.58 8.02
C GLY A 78 -4.57 -1.13 8.44
N ARG A 79 -4.06 -0.97 9.65
CA ARG A 79 -3.64 0.32 10.19
C ARG A 79 -2.84 1.20 9.20
N ALA A 80 -3.31 2.43 9.04
CA ALA A 80 -2.51 3.50 8.47
C ALA A 80 -1.48 4.00 9.51
N ARG A 81 -0.24 4.17 9.07
CA ARG A 81 0.79 4.72 9.93
C ARG A 81 0.90 6.23 9.63
N TYR A 82 1.27 7.00 10.64
CA TYR A 82 1.33 8.45 10.49
C TYR A 82 2.67 9.07 10.88
N GLU A 83 3.13 10.02 10.05
CA GLU A 83 4.35 10.75 10.35
C GLU A 83 4.17 12.24 10.06
N GLU A 84 4.90 13.08 10.78
CA GLU A 84 4.89 14.52 10.52
C GLU A 84 5.47 14.82 9.13
N ALA A 85 4.65 15.40 8.26
CA ALA A 85 5.10 15.79 6.91
C ALA A 85 6.50 16.41 6.92
N PRO A 86 7.43 15.86 6.10
CA PRO A 86 8.83 16.30 6.07
C PRO A 86 9.15 17.38 5.01
N SER A 87 10.34 17.97 5.10
CA SER A 87 10.74 19.09 4.23
C SER A 87 10.80 18.73 2.74
N GLU A 88 10.94 17.44 2.47
CA GLU A 88 11.06 16.91 1.11
C GLU A 88 10.37 15.55 1.09
N HIS A 89 9.91 15.13 -0.08
CA HIS A 89 9.32 13.80 -0.21
C HIS A 89 10.35 12.73 0.12
N HIS A 90 9.91 11.64 0.72
CA HIS A 90 10.74 10.45 0.89
C HIS A 90 9.95 9.19 0.81
N ASP A 91 10.58 8.16 0.28
CA ASP A 91 10.01 6.83 0.19
C ASP A 91 10.61 5.98 1.30
N HIS A 92 10.21 4.72 1.35
CA HIS A 92 10.60 3.88 2.47
C HIS A 92 11.22 2.56 2.09
N LEU A 93 12.18 2.13 2.91
CA LEU A 93 12.80 0.83 2.80
C LEU A 93 12.53 0.11 4.12
N ILE A 94 11.72 -0.93 4.08
CA ILE A 94 11.44 -1.69 5.29
C ILE A 94 12.38 -2.89 5.42
N ASP A 95 13.10 -2.93 6.55
CA ASP A 95 13.88 -4.08 6.95
C ASP A 95 12.91 -5.19 7.36
N VAL A 96 12.90 -6.27 6.58
CA VAL A 96 11.96 -7.37 6.78
C VAL A 96 12.30 -8.17 8.03
N ASN A 97 13.59 -8.17 8.41
CA ASN A 97 14.05 -8.84 9.63
C ASN A 97 13.58 -8.12 10.91
N SER A 98 14.38 -7.21 11.44
CA SER A 98 13.95 -6.39 12.59
C SER A 98 13.35 -5.10 12.05
N ALA A 99 12.01 -5.10 11.90
CA ALA A 99 11.29 -4.10 11.09
C ALA A 99 11.58 -2.61 11.35
N ARG A 100 12.82 -2.21 11.08
CA ARG A 100 13.19 -0.80 11.00
C ARG A 100 12.76 -0.26 9.64
N VAL A 101 12.46 1.03 9.59
CA VAL A 101 12.10 1.71 8.35
C VAL A 101 13.18 2.71 8.01
N ILE A 102 13.60 2.73 6.74
CA ILE A 102 14.59 3.68 6.26
C ILE A 102 13.97 4.62 5.25
N GLU A 103 13.88 5.88 5.62
CA GLU A 103 13.48 6.94 4.70
C GLU A 103 14.57 7.08 3.66
N PHE A 104 14.19 7.28 2.41
CA PHE A 104 15.16 7.54 1.37
C PHE A 104 14.56 8.40 0.28
N THR A 105 15.41 9.20 -0.34
CA THR A 105 15.02 10.07 -1.44
C THR A 105 15.82 9.72 -2.71
N SER A 106 15.13 9.69 -3.84
CA SER A 106 15.75 9.44 -5.14
C SER A 106 15.15 10.37 -6.19
N PRO A 107 15.90 11.43 -6.59
CA PRO A 107 15.36 12.36 -7.61
C PRO A 107 15.09 11.69 -8.98
N GLU A 108 16.02 10.87 -9.45
CA GLU A 108 15.96 10.26 -10.78
C GLU A 108 14.70 9.40 -10.98
N ILE A 109 14.20 8.81 -9.88
CA ILE A 109 13.04 7.93 -9.91
C ILE A 109 11.74 8.70 -10.17
N GLU A 110 11.53 9.78 -9.40
CA GLU A 110 10.33 10.62 -9.53
C GLU A 110 10.16 11.14 -10.96
N ALA A 111 11.30 11.51 -11.56
CA ALA A 111 11.36 11.91 -12.96
C ALA A 111 10.81 10.78 -13.82
N LEU A 112 11.52 9.65 -13.81
CA LEU A 112 11.09 8.44 -14.52
C LEU A 112 9.61 8.20 -14.31
N GLN A 113 9.15 8.35 -13.07
CA GLN A 113 7.75 8.17 -12.71
C GLN A 113 6.80 9.14 -13.41
N ARG A 114 7.19 10.41 -13.49
CA ARG A 114 6.40 11.40 -14.25
C ARG A 114 6.52 11.19 -15.76
N GLU A 115 7.65 10.62 -16.20
CA GLU A 115 7.86 10.25 -17.61
C GLU A 115 6.96 9.09 -18.00
N ILE A 116 6.81 8.16 -17.06
CA ILE A 116 5.91 7.02 -17.20
C ILE A 116 4.45 7.51 -17.21
N ALA A 117 4.18 8.61 -16.51
CA ALA A 117 2.88 9.27 -16.57
C ALA A 117 2.65 9.86 -17.96
N ARG A 118 3.50 10.80 -18.37
CA ARG A 118 3.41 11.47 -19.67
C ARG A 118 3.56 10.53 -20.88
N LYS A 119 4.03 9.30 -20.67
CA LYS A 119 4.07 8.28 -21.72
C LYS A 119 2.69 7.67 -21.95
N HIS A 120 2.06 7.26 -20.84
CA HIS A 120 0.71 6.70 -20.88
C HIS A 120 -0.33 7.79 -20.81
N GLY A 121 0.06 8.98 -21.26
CA GLY A 121 -0.83 10.14 -21.38
C GLY A 121 -1.42 10.64 -20.06
N PHE A 122 -0.67 10.45 -18.98
CA PHE A 122 -1.16 10.70 -17.62
C PHE A 122 -0.50 11.89 -16.91
N ARG A 123 -1.15 12.35 -15.84
CA ARG A 123 -0.60 13.34 -14.93
C ARG A 123 -0.55 12.72 -13.52
N LEU A 124 0.65 12.49 -13.00
CA LEU A 124 0.84 11.84 -11.70
C LEU A 124 0.37 12.71 -10.52
N VAL A 125 -0.81 12.38 -9.97
CA VAL A 125 -1.37 13.09 -8.79
C VAL A 125 -0.83 12.54 -7.45
N GLY A 126 -0.08 11.44 -7.55
CA GLY A 126 0.49 10.77 -6.37
C GLY A 126 1.03 9.41 -6.71
N HIS A 127 1.94 8.93 -5.86
CA HIS A 127 2.59 7.66 -6.07
C HIS A 127 2.90 7.06 -4.73
N ARG A 128 3.38 5.82 -4.74
CA ARG A 128 3.79 5.13 -3.52
C ARG A 128 4.88 4.12 -3.87
N LEU A 129 6.01 4.23 -3.19
CA LEU A 129 7.12 3.30 -3.38
C LEU A 129 7.65 2.83 -2.04
N GLU A 130 7.59 1.52 -1.82
CA GLU A 130 8.19 0.92 -0.63
C GLU A 130 8.96 -0.31 -1.03
N LEU A 131 10.13 -0.47 -0.41
CA LEU A 131 11.12 -1.45 -0.79
C LEU A 131 11.33 -2.31 0.42
N TYR A 132 11.35 -3.63 0.21
CA TYR A 132 11.51 -4.57 1.32
C TYR A 132 12.88 -5.23 1.21
N GLY A 133 13.60 -5.28 2.33
CA GLY A 133 15.00 -5.65 2.26
C GLY A 133 15.56 -6.48 3.40
N VAL A 134 16.71 -7.09 3.13
CA VAL A 134 17.51 -7.76 4.13
C VAL A 134 18.99 -7.45 3.89
N PRO A 135 19.78 -7.29 4.98
CA PRO A 135 21.25 -7.15 4.96
C PRO A 135 21.95 -8.03 3.92
N HIS B 2 -4.11 -26.57 -21.51
CA HIS B 2 -5.33 -26.02 -20.85
C HIS B 2 -6.41 -27.05 -20.57
N MET B 3 -6.29 -27.70 -19.40
CA MET B 3 -7.35 -28.53 -18.76
C MET B 3 -7.14 -28.46 -17.23
N VAL B 4 -5.87 -28.34 -16.83
CA VAL B 4 -5.49 -27.98 -15.47
C VAL B 4 -4.69 -26.67 -15.52
N SER B 5 -5.17 -25.66 -14.78
CA SER B 5 -4.67 -24.26 -14.85
C SER B 5 -3.30 -24.07 -14.22
N ARG B 6 -2.57 -23.02 -14.60
CA ARG B 6 -1.26 -22.74 -13.98
C ARG B 6 -1.32 -22.89 -12.44
N ILE B 7 -2.37 -22.33 -11.84
CA ILE B 7 -2.56 -22.27 -10.39
C ILE B 7 -2.99 -23.61 -9.78
N GLU B 8 -3.87 -24.34 -10.46
CA GLU B 8 -4.20 -25.69 -10.00
C GLU B 8 -2.93 -26.56 -9.97
N GLN B 9 -2.06 -26.36 -10.97
CA GLN B 9 -0.78 -27.04 -10.99
C GLN B 9 0.04 -26.73 -9.74
N ARG B 10 -0.01 -25.47 -9.30
CA ARG B 10 0.75 -25.03 -8.14
C ARG B 10 0.26 -25.67 -6.85
N LEU B 11 -1.06 -25.67 -6.62
CA LEU B 11 -1.67 -26.48 -5.54
C LEU B 11 -1.20 -27.96 -5.57
N ILE B 12 -1.26 -28.55 -6.76
CA ILE B 12 -0.88 -29.94 -6.96
C ILE B 12 0.55 -30.10 -6.46
N ASP B 13 1.46 -29.33 -7.06
CA ASP B 13 2.88 -29.33 -6.66
C ASP B 13 3.07 -29.12 -5.16
N LYS B 14 2.36 -28.12 -4.61
CA LYS B 14 2.44 -27.75 -3.20
C LYS B 14 1.70 -28.72 -2.28
N GLY B 15 1.12 -29.76 -2.86
CA GLY B 15 0.52 -30.86 -2.12
C GLY B 15 -0.81 -30.53 -1.49
N LEU B 16 -1.30 -29.32 -1.72
CA LEU B 16 -2.58 -28.88 -1.17
C LEU B 16 -3.74 -29.55 -1.89
N LYS B 17 -4.83 -29.78 -1.15
CA LYS B 17 -6.00 -30.50 -1.64
C LYS B 17 -6.79 -29.59 -2.58
N VAL B 18 -7.15 -30.11 -3.74
CA VAL B 18 -7.86 -29.35 -4.76
C VAL B 18 -9.34 -29.73 -4.78
N THR B 19 -10.15 -28.89 -4.13
CA THR B 19 -11.60 -29.02 -4.18
C THR B 19 -12.17 -28.36 -5.47
N ASP B 20 -13.40 -28.74 -5.84
CA ASP B 20 -14.05 -28.21 -7.07
C ASP B 20 -14.09 -26.69 -7.10
N GLN B 21 -14.27 -26.11 -5.92
CA GLN B 21 -14.29 -24.67 -5.71
C GLN B 21 -12.87 -24.09 -5.77
N ARG B 22 -11.91 -24.75 -5.14
CA ARG B 22 -10.52 -24.32 -5.25
C ARG B 22 -10.10 -24.36 -6.71
N ARG B 23 -10.47 -25.43 -7.39
CA ARG B 23 -10.31 -25.57 -8.83
C ARG B 23 -10.95 -24.41 -9.61
N VAL B 24 -12.20 -24.06 -9.28
CA VAL B 24 -12.97 -23.01 -10.00
C VAL B 24 -12.34 -21.62 -9.84
N ILE B 25 -12.01 -21.29 -8.60
CA ILE B 25 -11.36 -20.01 -8.28
C ILE B 25 -9.94 -19.99 -8.88
N ALA B 26 -9.30 -21.16 -8.94
CA ALA B 26 -8.02 -21.33 -9.65
C ALA B 26 -8.15 -21.00 -11.15
N GLN B 27 -9.24 -21.47 -11.77
CA GLN B 27 -9.65 -21.13 -13.15
C GLN B 27 -9.69 -19.63 -13.32
N VAL B 28 -10.59 -19.02 -12.55
CA VAL B 28 -10.88 -17.61 -12.63
C VAL B 28 -9.63 -16.76 -12.50
N LEU B 29 -8.74 -17.14 -11.59
CA LEU B 29 -7.55 -16.33 -11.36
C LEU B 29 -6.50 -16.52 -12.46
N SER B 30 -6.45 -17.72 -13.01
CA SER B 30 -5.59 -18.00 -14.14
C SER B 30 -6.11 -17.28 -15.38
N ASP B 31 -7.43 -17.27 -15.56
CA ASP B 31 -8.11 -16.54 -16.65
C ASP B 31 -7.73 -15.07 -16.73
N SER B 32 -7.79 -14.38 -15.59
CA SER B 32 -7.80 -12.91 -15.52
C SER B 32 -6.48 -12.22 -15.81
N ALA B 33 -6.50 -11.31 -16.79
CA ALA B 33 -5.37 -10.41 -17.00
C ALA B 33 -5.49 -9.20 -16.08
N ASP B 34 -6.72 -8.79 -15.77
CA ASP B 34 -6.93 -7.69 -14.85
C ASP B 34 -6.72 -8.07 -13.37
N HIS B 35 -7.27 -7.23 -12.48
CA HIS B 35 -7.08 -7.34 -11.03
C HIS B 35 -8.41 -7.22 -10.35
N PRO B 36 -9.18 -8.33 -10.28
CA PRO B 36 -10.52 -8.22 -9.67
C PRO B 36 -10.46 -8.10 -8.16
N ASP B 37 -11.41 -7.36 -7.58
CA ASP B 37 -11.69 -7.45 -6.13
C ASP B 37 -12.30 -8.82 -5.86
N VAL B 38 -12.56 -9.14 -4.60
CA VAL B 38 -13.15 -10.43 -4.24
C VAL B 38 -14.57 -10.61 -4.78
N GLU B 39 -15.34 -9.53 -4.84
CA GLU B 39 -16.70 -9.62 -5.37
C GLU B 39 -16.67 -10.09 -6.83
N GLU B 40 -15.80 -9.46 -7.63
CA GLU B 40 -15.66 -9.83 -9.04
C GLU B 40 -15.17 -11.28 -9.17
N VAL B 41 -14.29 -11.72 -8.25
CA VAL B 41 -13.83 -13.11 -8.23
C VAL B 41 -14.96 -14.07 -7.85
N TYR B 42 -15.95 -13.55 -7.12
CA TYR B 42 -17.11 -14.35 -6.79
C TYR B 42 -18.03 -14.45 -8.01
N ARG B 43 -18.40 -13.31 -8.59
CA ARG B 43 -19.19 -13.28 -9.83
C ARG B 43 -18.54 -14.17 -10.90
N ARG B 44 -17.25 -13.94 -11.18
CA ARG B 44 -16.55 -14.73 -12.18
C ARG B 44 -16.58 -16.23 -11.86
N ALA B 45 -16.71 -16.58 -10.59
CA ALA B 45 -16.72 -17.98 -10.17
C ALA B 45 -18.11 -18.59 -10.13
N THR B 46 -19.15 -17.75 -10.04
CA THR B 46 -20.54 -18.22 -10.15
C THR B 46 -20.90 -18.50 -11.63
N ALA B 47 -20.30 -17.71 -12.52
CA ALA B 47 -20.37 -17.93 -13.97
C ALA B 47 -19.68 -19.25 -14.40
N LYS B 48 -19.45 -20.14 -13.44
CA LYS B 48 -18.89 -21.45 -13.71
C LYS B 48 -19.57 -22.55 -12.90
N ASP B 49 -19.75 -22.31 -11.59
CA ASP B 49 -20.20 -23.36 -10.66
C ASP B 49 -21.08 -22.82 -9.50
N PRO B 50 -21.42 -23.70 -8.51
CA PRO B 50 -22.44 -23.46 -7.48
C PRO B 50 -22.78 -22.01 -7.19
N ILE B 52 -19.67 -22.60 -5.37
CA ILE B 52 -18.88 -21.53 -4.75
C ILE B 52 -19.73 -20.59 -3.86
N SER B 53 -19.35 -20.50 -2.58
CA SER B 53 -19.91 -19.49 -1.66
C SER B 53 -18.94 -18.32 -1.48
N ILE B 54 -19.48 -17.16 -1.08
CA ILE B 54 -18.68 -15.98 -0.75
C ILE B 54 -17.68 -16.28 0.36
N ALA B 55 -18.15 -16.90 1.44
CA ALA B 55 -17.29 -17.31 2.55
C ALA B 55 -16.06 -17.98 1.97
N THR B 56 -16.33 -19.00 1.15
CA THR B 56 -15.31 -19.77 0.42
C THR B 56 -14.41 -18.92 -0.48
N VAL B 57 -14.96 -18.14 -1.41
CA VAL B 57 -14.11 -17.34 -2.30
C VAL B 57 -13.10 -16.57 -1.45
N TYR B 58 -13.56 -16.04 -0.31
CA TYR B 58 -12.69 -15.31 0.61
C TYR B 58 -11.60 -16.19 1.15
N ARG B 59 -12.01 -17.33 1.73
CA ARG B 59 -11.06 -18.29 2.29
C ARG B 59 -10.00 -18.68 1.27
N THR B 60 -10.43 -18.91 0.04
CA THR B 60 -9.53 -19.42 -1.00
C THR B 60 -8.48 -18.38 -1.42
N VAL B 61 -8.94 -17.18 -1.81
CA VAL B 61 -8.02 -16.17 -2.35
C VAL B 61 -7.08 -15.74 -1.24
N ARG B 62 -7.41 -16.13 -0.02
CA ARG B 62 -6.54 -15.89 1.11
C ARG B 62 -5.46 -16.94 1.18
N LEU B 63 -5.87 -18.21 1.19
CA LEU B 63 -4.93 -19.33 1.13
C LEU B 63 -3.94 -19.11 -0.02
N PHE B 64 -4.48 -18.92 -1.21
CA PHE B 64 -3.67 -18.68 -2.39
C PHE B 64 -2.65 -17.58 -2.14
N GLU B 65 -3.11 -16.46 -1.57
CA GLU B 65 -2.24 -15.32 -1.28
C GLU B 65 -1.21 -15.71 -0.22
N GLU B 66 -1.65 -16.43 0.79
CA GLU B 66 -0.78 -16.86 1.86
C GLU B 66 0.28 -17.75 1.24
N GLU B 67 -0.14 -18.61 0.32
CA GLU B 67 0.79 -19.57 -0.31
C GLU B 67 1.61 -19.01 -1.49
N SER B 68 1.60 -17.69 -1.66
CA SER B 68 2.39 -16.99 -2.68
C SER B 68 1.88 -17.18 -4.10
N ILE B 69 0.72 -17.80 -4.25
CA ILE B 69 0.12 -17.98 -5.57
C ILE B 69 -0.45 -16.67 -6.09
N LEU B 70 -0.86 -15.81 -5.15
CA LEU B 70 -1.53 -14.56 -5.52
C LEU B 70 -0.81 -13.34 -4.97
N GLU B 71 -1.04 -12.21 -5.63
CA GLU B 71 -0.56 -10.93 -5.15
C GLU B 71 -1.79 -10.11 -4.80
N ARG B 72 -1.82 -9.60 -3.57
CA ARG B 72 -2.89 -8.73 -3.11
C ARG B 72 -2.47 -7.31 -3.35
N HIS B 73 -3.38 -6.54 -3.91
CA HIS B 73 -3.20 -5.11 -4.05
C HIS B 73 -4.27 -4.36 -3.31
N ASP B 74 -3.88 -3.23 -2.74
CA ASP B 74 -4.80 -2.25 -2.21
C ASP B 74 -4.62 -1.04 -3.09
N PHE B 75 -5.63 -0.70 -3.88
CA PHE B 75 -5.52 0.45 -4.76
C PHE B 75 -6.26 1.69 -4.25
N GLY B 76 -6.23 1.88 -2.92
CA GLY B 76 -6.79 3.04 -2.26
C GLY B 76 -8.27 3.21 -2.52
N ASP B 77 -9.00 2.10 -2.60
CA ASP B 77 -10.44 2.16 -2.93
C ASP B 77 -11.32 1.20 -2.11
N GLY B 78 -10.90 0.87 -0.90
CA GLY B 78 -11.66 0.01 0.00
C GLY B 78 -11.21 -1.44 -0.02
N ARG B 79 -11.78 -2.22 -0.94
CA ARG B 79 -11.51 -3.65 -1.08
C ARG B 79 -10.09 -4.00 -1.58
N ALA B 80 -9.63 -5.20 -1.22
CA ALA B 80 -8.40 -5.78 -1.78
C ALA B 80 -8.65 -6.28 -3.19
N ARG B 81 -7.62 -6.18 -4.04
CA ARG B 81 -7.66 -6.70 -5.42
C ARG B 81 -6.53 -7.73 -5.66
N TYR B 82 -6.77 -8.70 -6.54
CA TYR B 82 -5.93 -9.91 -6.61
C TYR B 82 -5.49 -10.31 -8.00
N GLU B 83 -4.31 -10.95 -8.09
CA GLU B 83 -3.81 -11.51 -9.36
C GLU B 83 -2.81 -12.66 -9.16
N GLU B 84 -2.73 -13.57 -10.14
CA GLU B 84 -1.72 -14.63 -10.14
C GLU B 84 -0.33 -14.01 -10.11
N ALA B 85 0.60 -14.67 -9.41
CA ALA B 85 1.95 -14.15 -9.22
C ALA B 85 2.70 -14.14 -10.56
N PRO B 86 3.06 -12.93 -11.04
CA PRO B 86 3.55 -12.87 -12.41
C PRO B 86 4.98 -13.39 -12.57
N SER B 87 5.19 -14.29 -13.51
CA SER B 87 6.53 -14.69 -13.92
C SER B 87 7.33 -13.47 -14.39
N GLU B 88 6.63 -12.52 -15.01
CA GLU B 88 7.20 -11.26 -15.46
C GLU B 88 6.76 -10.11 -14.55
N HIS B 89 7.68 -9.60 -13.73
CA HIS B 89 7.35 -8.54 -12.77
C HIS B 89 6.88 -7.29 -13.42
N HIS B 90 5.77 -6.75 -12.93
CA HIS B 90 5.30 -5.44 -13.34
C HIS B 90 4.91 -4.61 -12.15
N ASP B 91 4.58 -3.36 -12.44
CA ASP B 91 4.17 -2.40 -11.43
C ASP B 91 2.88 -1.78 -11.97
N HIS B 92 2.30 -0.83 -11.23
CA HIS B 92 0.94 -0.38 -11.58
C HIS B 92 0.71 1.12 -11.63
N LEU B 93 0.24 1.59 -12.78
CA LEU B 93 -0.29 2.95 -12.93
C LEU B 93 -1.81 2.88 -12.81
N ILE B 94 -2.35 3.62 -11.85
CA ILE B 94 -3.80 3.59 -11.57
C ILE B 94 -4.45 4.89 -12.01
N ASP B 95 -5.50 4.78 -12.83
CA ASP B 95 -6.30 5.93 -13.20
C ASP B 95 -7.13 6.23 -11.97
N VAL B 96 -6.84 7.37 -11.35
CA VAL B 96 -7.54 7.79 -10.14
C VAL B 96 -9.03 8.05 -10.42
N ASN B 97 -9.39 8.12 -11.70
CA ASN B 97 -10.78 8.29 -12.14
C ASN B 97 -11.30 7.05 -12.86
N ALA B 99 -10.99 4.25 -14.21
CA ALA B 99 -10.38 3.63 -13.04
C ALA B 99 -9.48 2.45 -13.44
N ARG B 100 -9.16 2.36 -14.73
CA ARG B 100 -8.31 1.30 -15.30
C ARG B 100 -6.87 1.30 -14.77
N VAL B 101 -6.30 0.11 -14.58
CA VAL B 101 -4.96 -0.04 -14.02
C VAL B 101 -3.95 -0.55 -15.07
N ILE B 102 -3.28 0.37 -15.75
CA ILE B 102 -2.23 0.01 -16.70
C ILE B 102 -0.97 -0.50 -15.99
N GLU B 103 -0.55 -1.72 -16.35
CA GLU B 103 0.67 -2.33 -15.83
C GLU B 103 1.87 -1.87 -16.63
N PHE B 104 3.03 -1.77 -15.98
CA PHE B 104 4.23 -1.29 -16.64
C PHE B 104 5.51 -1.90 -16.07
N THR B 105 6.63 -1.67 -16.76
CA THR B 105 7.96 -1.99 -16.24
C THR B 105 8.91 -0.91 -16.66
N SER B 106 9.61 -0.35 -15.68
CA SER B 106 10.73 0.52 -15.96
C SER B 106 11.95 -0.27 -15.58
N PRO B 107 12.66 -0.83 -16.59
CA PRO B 107 13.93 -1.50 -16.37
C PRO B 107 14.89 -0.63 -15.59
N GLU B 108 14.70 0.69 -15.69
CA GLU B 108 15.55 1.67 -15.01
C GLU B 108 15.14 1.97 -13.55
N ILE B 109 13.83 2.00 -13.26
CA ILE B 109 13.38 2.15 -11.88
C ILE B 109 13.82 0.94 -11.07
N GLU B 110 13.72 -0.24 -11.68
CA GLU B 110 14.25 -1.48 -11.12
C GLU B 110 15.74 -1.34 -10.86
N ALA B 111 16.45 -0.82 -11.86
CA ALA B 111 17.88 -0.58 -11.76
C ALA B 111 18.21 0.25 -10.52
N LEU B 112 17.52 1.37 -10.37
CA LEU B 112 17.80 2.30 -9.27
C LEU B 112 17.47 1.69 -7.92
N GLN B 113 16.28 1.12 -7.80
CA GLN B 113 15.83 0.43 -6.59
C GLN B 113 16.88 -0.50 -6.02
N ARG B 114 17.53 -1.24 -6.92
CA ARG B 114 18.57 -2.19 -6.55
C ARG B 114 19.75 -1.45 -5.93
N GLU B 115 20.11 -0.32 -6.56
CA GLU B 115 21.23 0.53 -6.11
C GLU B 115 20.93 1.13 -4.73
N ILE B 116 19.75 1.73 -4.58
CA ILE B 116 19.31 2.34 -3.31
C ILE B 116 19.50 1.38 -2.15
N ALA B 117 19.01 0.16 -2.35
CA ALA B 117 19.11 -0.90 -1.36
C ALA B 117 20.56 -1.30 -1.14
N ARG B 118 21.32 -1.40 -2.24
CA ARG B 118 22.76 -1.66 -2.16
C ARG B 118 23.44 -0.54 -1.39
N LYS B 119 23.26 0.70 -1.85
CA LYS B 119 23.84 1.89 -1.21
C LYS B 119 23.42 2.07 0.25
N HIS B 120 22.59 1.15 0.74
CA HIS B 120 22.14 1.15 2.14
C HIS B 120 22.54 -0.10 2.88
N GLY B 121 23.02 -1.10 2.14
CA GLY B 121 23.49 -2.34 2.74
C GLY B 121 22.35 -3.30 3.00
N PHE B 122 21.42 -3.35 2.05
CA PHE B 122 20.27 -4.26 2.11
C PHE B 122 19.97 -4.82 0.72
N ARG B 123 19.93 -6.15 0.57
CA ARG B 123 19.46 -6.78 -0.67
C ARG B 123 17.94 -6.77 -0.69
N LEU B 124 17.35 -6.17 -1.73
CA LEU B 124 15.90 -6.01 -1.75
C LEU B 124 15.23 -7.29 -2.18
N VAL B 125 14.26 -7.72 -1.37
CA VAL B 125 13.57 -9.00 -1.56
C VAL B 125 12.08 -8.81 -1.83
N GLY B 126 11.75 -7.71 -2.48
CA GLY B 126 10.37 -7.36 -2.79
C GLY B 126 10.17 -5.86 -2.69
N HIS B 127 9.19 -5.36 -3.45
CA HIS B 127 8.86 -3.95 -3.43
C HIS B 127 7.48 -3.70 -3.94
N ARG B 128 6.90 -2.60 -3.46
CA ARG B 128 5.59 -2.14 -3.90
C ARG B 128 5.78 -0.75 -4.51
N LEU B 129 5.57 -0.65 -5.82
CA LEU B 129 5.56 0.63 -6.50
C LEU B 129 4.27 0.83 -7.29
N GLU B 130 3.47 1.80 -6.88
CA GLU B 130 2.24 2.14 -7.56
C GLU B 130 2.20 3.61 -7.91
N LEU B 131 1.70 3.88 -9.10
CA LEU B 131 1.48 5.23 -9.58
C LEU B 131 -0.01 5.52 -9.67
N TYR B 132 -0.42 6.70 -9.21
CA TYR B 132 -1.81 7.14 -9.32
C TYR B 132 -1.92 8.43 -10.10
N GLY B 133 -2.87 8.50 -11.03
CA GLY B 133 -3.07 9.72 -11.83
C GLY B 133 -4.26 9.77 -12.77
N VAL B 134 -4.39 10.94 -13.40
CA VAL B 134 -5.41 11.20 -14.43
C VAL B 134 -4.72 11.61 -15.74
N PRO B 135 -5.47 11.70 -16.86
CA PRO B 135 -4.87 12.10 -18.15
C PRO B 135 -4.64 13.60 -18.33
#